data_6JDB
#
_entry.id   6JDB
#
_cell.length_a   92.591
_cell.length_b   92.591
_cell.length_c   183.321
_cell.angle_alpha   90.000
_cell.angle_beta   90.000
_cell.angle_gamma   90.000
#
_symmetry.space_group_name_H-M   'I 41 2 2'
#
loop_
_entity.id
_entity.type
_entity.pdbx_description
1 polymer 'N-acetylmannosamine kinase'
2 non-polymer "ADENOSINE-5'-DIPHOSPHATE"
3 non-polymer 2-acetamido-2-deoxy-6-O-phosphono-alpha-D-mannopyranose
4 non-polymer 'ZINC ION'
5 water water
#
_entity_poly.entity_id   1
_entity_poly.type   'polypeptide(L)'
_entity_poly.pdbx_seq_one_letter_code
;MRCLALDIGGTKIAAAIVKNEIEQRQQIHTPRENVVEGMHQALGKLLADYEGQFDYVAVASTGIINNGILSALNPKNLGG
LAEFPLKASIAKHTDKPIGLLNDAQAATYAEYQLQNFEQVSNFVFITVSTGVGGGIVLNQILQTGSRGIAGHIGHTLADP
NGAICGCGRRGCVEAIASGRAIEAVSSQWEDPCDPKEVFERFRKNDEKATALVERSAKAIANLIADLVISLDIQKIAIGG
SVGLAEGYLSLVEKYLQDFPSIYCCEIETAKFGQDAGLIGAAYWVKDVLL
;
_entity_poly.pdbx_strand_id   A
#
loop_
_chem_comp.id
_chem_comp.type
_chem_comp.name
_chem_comp.formula
ADP non-polymer ADENOSINE-5'-DIPHOSPHATE 'C10 H15 N5 O10 P2'
BMX D-saccharide, alpha linking 2-acetamido-2-deoxy-6-O-phosphono-alpha-D-mannopyranose 'C8 H16 N O9 P'
ZN non-polymer 'ZINC ION' 'Zn 2'
#
# COMPACT_ATOMS: atom_id res chain seq x y z
N MET A 1 -5.13 -24.09 -7.08
CA MET A 1 -3.99 -24.50 -6.25
C MET A 1 -2.74 -23.69 -6.61
N ARG A 2 -2.67 -23.27 -7.87
CA ARG A 2 -1.56 -22.47 -8.39
C ARG A 2 -2.12 -21.12 -8.85
N CYS A 3 -1.50 -20.03 -8.39
CA CYS A 3 -2.05 -18.70 -8.56
C CYS A 3 -1.05 -17.81 -9.29
N LEU A 4 -1.55 -17.01 -10.23
CA LEU A 4 -0.77 -15.92 -10.79
C LEU A 4 -1.18 -14.67 -10.03
N ALA A 5 -0.23 -14.08 -9.31
CA ALA A 5 -0.47 -12.89 -8.50
C ALA A 5 0.17 -11.69 -9.16
N LEU A 6 -0.54 -10.56 -9.16
CA LEU A 6 0.03 -9.30 -9.60
C LEU A 6 -0.14 -8.26 -8.50
N ASP A 7 0.94 -7.53 -8.19
CA ASP A 7 0.91 -6.36 -7.32
C ASP A 7 1.15 -5.16 -8.22
N ILE A 8 0.07 -4.52 -8.66
CA ILE A 8 0.18 -3.29 -9.41
C ILE A 8 0.31 -2.11 -8.44
N GLY A 9 1.32 -1.27 -8.68
CA GLY A 9 1.52 -0.13 -7.82
C GLY A 9 1.87 1.12 -8.61
N GLY A 10 2.35 2.15 -7.91
CA GLY A 10 2.83 3.36 -8.54
C GLY A 10 4.25 3.23 -9.07
N THR A 11 5.12 2.60 -8.28
CA THR A 11 6.49 2.28 -8.66
C THR A 11 6.65 0.82 -9.05
N LYS A 12 6.14 -0.10 -8.22
CA LYS A 12 6.30 -1.54 -8.41
C LYS A 12 5.05 -2.14 -9.07
N ILE A 13 5.23 -2.74 -10.24
CA ILE A 13 4.23 -3.69 -10.71
C ILE A 13 4.88 -5.07 -10.72
N ALA A 14 4.70 -5.81 -9.61
CA ALA A 14 5.24 -7.15 -9.43
C ALA A 14 4.39 -8.21 -10.14
N ALA A 15 4.91 -9.43 -10.15
CA ALA A 15 4.21 -10.61 -10.60
C ALA A 15 4.93 -11.81 -10.03
N ALA A 16 4.15 -12.85 -9.68
CA ALA A 16 4.72 -14.07 -9.14
C ALA A 16 3.68 -15.16 -9.14
N ILE A 17 4.16 -16.39 -9.20
CA ILE A 17 3.36 -17.58 -8.92
C ILE A 17 3.33 -17.81 -7.43
N VAL A 18 2.17 -18.13 -6.89
CA VAL A 18 2.02 -18.47 -5.48
C VAL A 18 1.45 -19.88 -5.44
N LYS A 19 2.34 -20.87 -5.31
CA LYS A 19 1.93 -22.25 -5.11
C LYS A 19 1.41 -22.38 -3.68
N ASN A 20 2.33 -22.33 -2.72
CA ASN A 20 2.03 -21.86 -1.38
C ASN A 20 3.11 -20.89 -0.91
N GLU A 21 4.20 -20.76 -1.65
CA GLU A 21 5.20 -19.72 -1.51
C GLU A 21 5.31 -18.94 -2.81
N ILE A 22 5.91 -17.76 -2.71
CA ILE A 22 6.24 -16.96 -3.88
C ILE A 22 7.32 -17.67 -4.68
N GLU A 23 7.20 -17.63 -6.00
CA GLU A 23 8.27 -18.11 -6.87
C GLU A 23 8.12 -17.48 -8.24
N GLN A 24 9.20 -17.51 -9.02
CA GLN A 24 9.25 -16.85 -10.32
C GLN A 24 8.87 -15.38 -10.25
N ARG A 25 9.41 -14.65 -9.27
CA ARG A 25 9.11 -13.24 -9.15
C ARG A 25 9.59 -12.46 -10.38
N GLN A 26 8.81 -11.44 -10.76
CA GLN A 26 9.24 -10.41 -11.70
C GLN A 26 8.93 -9.07 -11.07
N GLN A 27 9.43 -7.99 -11.69
CA GLN A 27 9.26 -6.64 -11.12
C GLN A 27 9.51 -5.60 -12.23
N ILE A 28 8.47 -5.29 -13.00
CA ILE A 28 8.59 -4.37 -14.12
C ILE A 28 8.60 -2.92 -13.65
N HIS A 29 9.14 -2.04 -14.50
CA HIS A 29 9.01 -0.59 -14.40
C HIS A 29 7.56 -0.17 -14.57
N THR A 30 6.87 0.14 -13.44
CA THR A 30 5.52 0.69 -13.53
C THR A 30 5.61 1.98 -14.33
N PRO A 31 5.02 2.02 -15.53
CA PRO A 31 5.29 3.13 -16.45
C PRO A 31 4.72 4.45 -15.95
N ARG A 32 5.47 5.52 -16.18
CA ARG A 32 5.09 6.85 -15.72
C ARG A 32 4.81 7.81 -16.86
N GLU A 33 4.93 7.37 -18.11
CA GLU A 33 4.56 8.15 -19.27
C GLU A 33 4.06 7.19 -20.34
N ASN A 34 3.01 7.59 -21.05
CA ASN A 34 2.31 6.69 -21.99
C ASN A 34 1.79 5.45 -21.26
N VAL A 35 1.07 5.69 -20.16
CA VAL A 35 0.86 4.63 -19.20
C VAL A 35 -0.30 3.71 -19.58
N VAL A 36 -1.23 4.21 -20.38
CA VAL A 36 -2.40 3.41 -20.75
C VAL A 36 -1.99 2.29 -21.70
N GLU A 37 -1.19 2.63 -22.71
CA GLU A 37 -0.61 1.59 -23.56
C GLU A 37 0.42 0.77 -22.81
N GLY A 38 1.22 1.42 -21.95
CA GLY A 38 2.24 0.70 -21.20
C GLY A 38 1.68 -0.42 -20.34
N MET A 39 0.60 -0.13 -19.63
CA MET A 39 0.03 -1.15 -18.77
C MET A 39 -0.70 -2.24 -19.53
N HIS A 40 -1.21 -1.97 -20.73
CA HIS A 40 -1.78 -3.06 -21.51
C HIS A 40 -0.70 -4.03 -21.94
N GLN A 41 0.45 -3.51 -22.37
CA GLN A 41 1.53 -4.37 -22.85
C GLN A 41 2.17 -5.15 -21.72
N ALA A 42 2.32 -4.52 -20.55
CA ALA A 42 2.88 -5.25 -19.41
C ALA A 42 1.96 -6.37 -18.97
N LEU A 43 0.66 -6.11 -18.91
CA LEU A 43 -0.29 -7.16 -18.58
C LEU A 43 -0.28 -8.24 -19.65
N GLY A 44 0.07 -7.88 -20.88
CA GLY A 44 0.15 -8.88 -21.93
C GLY A 44 1.37 -9.77 -21.77
N LYS A 45 2.54 -9.15 -21.56
CA LYS A 45 3.76 -9.93 -21.45
C LYS A 45 3.70 -10.86 -20.25
N LEU A 46 3.37 -10.31 -19.07
CA LEU A 46 3.33 -11.14 -17.87
C LEU A 46 2.31 -12.26 -17.99
N LEU A 47 1.17 -11.99 -18.62
CA LEU A 47 0.21 -13.08 -18.81
C LEU A 47 0.78 -14.16 -19.73
N ALA A 48 1.64 -13.78 -20.67
CA ALA A 48 2.24 -14.76 -21.58
C ALA A 48 3.35 -15.55 -20.90
N ASP A 49 4.15 -14.90 -20.06
CA ASP A 49 5.24 -15.56 -19.35
C ASP A 49 4.76 -16.61 -18.36
N TYR A 50 3.46 -16.88 -18.25
CA TYR A 50 2.95 -17.80 -17.24
C TYR A 50 1.81 -18.66 -17.73
N GLU A 51 1.47 -18.67 -19.03
CA GLU A 51 0.25 -19.35 -19.45
C GLU A 51 0.33 -20.83 -19.09
N GLY A 52 -0.82 -21.39 -18.70
CA GLY A 52 -0.88 -22.77 -18.25
C GLY A 52 -0.27 -23.03 -16.89
N GLN A 53 0.40 -22.05 -16.28
CA GLN A 53 1.07 -22.22 -15.00
C GLN A 53 0.21 -21.89 -13.80
N PHE A 54 -1.05 -21.49 -13.99
CA PHE A 54 -1.88 -21.04 -12.89
C PHE A 54 -3.32 -21.48 -13.12
N ASP A 55 -4.10 -21.47 -12.05
CA ASP A 55 -5.52 -21.75 -12.13
C ASP A 55 -6.40 -20.52 -11.91
N TYR A 56 -5.84 -19.42 -11.42
CA TYR A 56 -6.58 -18.17 -11.26
C TYR A 56 -5.59 -17.03 -11.15
N VAL A 57 -6.07 -15.81 -11.43
CA VAL A 57 -5.27 -14.61 -11.30
C VAL A 57 -5.77 -13.82 -10.10
N ALA A 58 -4.83 -13.33 -9.30
CA ALA A 58 -5.13 -12.49 -8.15
C ALA A 58 -4.37 -11.19 -8.33
N VAL A 59 -5.08 -10.07 -8.31
CA VAL A 59 -4.49 -8.77 -8.55
C VAL A 59 -4.67 -7.93 -7.29
N ALA A 60 -3.55 -7.54 -6.70
CA ALA A 60 -3.50 -6.47 -5.71
C ALA A 60 -3.08 -5.21 -6.45
N SER A 61 -3.85 -4.13 -6.30
CA SER A 61 -3.61 -2.97 -7.14
C SER A 61 -3.85 -1.69 -6.36
N THR A 62 -2.94 -0.75 -6.54
CA THR A 62 -3.21 0.60 -6.08
C THR A 62 -4.48 1.14 -6.75
N GLY A 63 -5.21 1.96 -6.02
CA GLY A 63 -6.45 2.56 -6.50
C GLY A 63 -7.68 1.86 -5.94
N ILE A 64 -8.80 2.56 -6.01
CA ILE A 64 -10.09 1.91 -5.75
C ILE A 64 -10.38 0.90 -6.84
N ILE A 65 -10.74 -0.32 -6.45
CA ILE A 65 -10.94 -1.42 -7.38
C ILE A 65 -12.38 -1.87 -7.24
N ASN A 66 -13.12 -1.80 -8.33
CA ASN A 66 -14.57 -1.90 -8.28
C ASN A 66 -15.05 -2.36 -9.64
N ASN A 67 -15.76 -3.48 -9.67
CA ASN A 67 -16.27 -4.06 -10.90
C ASN A 67 -15.21 -4.04 -11.99
N GLY A 68 -14.06 -4.60 -11.66
CA GLY A 68 -12.98 -4.73 -12.61
C GLY A 68 -12.22 -3.47 -12.92
N ILE A 69 -12.79 -2.30 -12.64
CA ILE A 69 -12.12 -1.02 -12.97
C ILE A 69 -11.20 -0.61 -11.83
N LEU A 70 -10.07 -0.02 -12.19
CA LEU A 70 -9.18 0.65 -11.25
C LEU A 70 -9.48 2.14 -11.35
N SER A 71 -10.08 2.71 -10.29
CA SER A 71 -10.23 4.14 -10.21
C SER A 71 -9.13 4.71 -9.30
N ALA A 72 -8.32 5.60 -9.86
CA ALA A 72 -7.20 6.18 -9.12
C ALA A 72 -7.72 7.36 -8.33
N LEU A 73 -7.89 7.16 -7.02
CA LEU A 73 -8.21 8.25 -6.10
C LEU A 73 -7.21 9.39 -6.24
N ASN A 74 -5.92 9.08 -6.22
CA ASN A 74 -4.87 10.04 -6.52
C ASN A 74 -4.22 9.73 -7.89
N PRO A 75 -4.63 10.40 -8.96
CA PRO A 75 -4.03 10.12 -10.28
C PRO A 75 -2.53 10.36 -10.36
N LYS A 76 -1.97 11.18 -9.46
CA LYS A 76 -0.52 11.41 -9.48
C LYS A 76 0.26 10.15 -9.16
N ASN A 77 -0.39 9.13 -8.62
CA ASN A 77 0.30 7.91 -8.22
C ASN A 77 0.37 6.90 -9.34
N LEU A 78 -0.16 7.26 -10.53
CA LEU A 78 -0.33 6.37 -11.67
C LEU A 78 0.11 7.03 -12.96
N GLY A 79 1.03 8.00 -12.87
CA GLY A 79 1.47 8.69 -14.07
C GLY A 79 0.37 9.46 -14.78
N GLY A 80 -0.65 9.86 -14.05
CA GLY A 80 -1.75 10.61 -14.60
C GLY A 80 -3.01 9.79 -14.80
N LEU A 81 -2.88 8.47 -14.86
CA LEU A 81 -3.99 7.60 -15.19
C LEU A 81 -5.14 7.78 -14.20
N ALA A 82 -6.29 8.25 -14.70
CA ALA A 82 -7.46 8.35 -13.83
C ALA A 82 -8.18 7.01 -13.70
N GLU A 83 -8.11 6.15 -14.70
CA GLU A 83 -8.93 4.95 -14.71
C GLU A 83 -8.24 3.89 -15.54
N PHE A 84 -8.61 2.64 -15.31
CA PHE A 84 -8.03 1.58 -16.14
C PHE A 84 -8.87 0.31 -16.05
N PRO A 85 -9.28 -0.24 -17.22
CA PRO A 85 -10.03 -1.50 -17.23
C PRO A 85 -9.12 -2.66 -16.89
N LEU A 86 -8.87 -2.83 -15.59
CA LEU A 86 -7.86 -3.78 -15.15
C LEU A 86 -8.25 -5.21 -15.49
N LYS A 87 -9.43 -5.66 -15.01
CA LYS A 87 -9.84 -7.04 -15.24
C LYS A 87 -10.03 -7.33 -16.72
N ALA A 88 -10.62 -6.40 -17.47
CA ALA A 88 -10.82 -6.63 -18.90
C ALA A 88 -9.49 -6.94 -19.58
N SER A 89 -8.51 -6.03 -19.46
CA SER A 89 -7.22 -6.21 -20.09
C SER A 89 -6.61 -7.56 -19.76
N ILE A 90 -6.81 -8.04 -18.53
CA ILE A 90 -6.25 -9.34 -18.14
C ILE A 90 -7.02 -10.47 -18.80
N ALA A 91 -8.32 -10.30 -18.99
CA ALA A 91 -9.13 -11.36 -19.58
C ALA A 91 -8.87 -11.54 -21.07
N LYS A 92 -8.31 -10.53 -21.75
CA LYS A 92 -7.86 -10.65 -23.13
C LYS A 92 -6.77 -11.70 -23.29
N HIS A 93 -6.31 -12.30 -22.20
CA HIS A 93 -5.19 -13.23 -22.26
C HIS A 93 -5.38 -14.53 -21.51
N THR A 94 -6.49 -14.72 -20.80
CA THR A 94 -6.72 -16.02 -20.16
C THR A 94 -8.18 -16.15 -19.82
N ASP A 95 -8.60 -17.42 -19.70
CA ASP A 95 -9.98 -17.79 -19.44
C ASP A 95 -10.24 -18.02 -17.96
N LYS A 96 -9.18 -18.10 -17.15
CA LYS A 96 -9.24 -18.44 -15.73
C LYS A 96 -9.88 -17.31 -14.92
N PRO A 97 -10.47 -17.65 -13.77
CA PRO A 97 -11.02 -16.62 -12.87
C PRO A 97 -9.98 -15.56 -12.46
N ILE A 98 -10.47 -14.34 -12.27
CA ILE A 98 -9.64 -13.18 -12.00
C ILE A 98 -10.26 -12.43 -10.83
N GLY A 99 -9.54 -12.36 -9.71
CA GLY A 99 -9.96 -11.60 -8.55
C GLY A 99 -9.09 -10.37 -8.39
N LEU A 100 -9.70 -9.29 -7.91
CA LEU A 100 -9.02 -8.01 -7.80
C LEU A 100 -9.38 -7.37 -6.48
N LEU A 101 -8.49 -6.51 -5.98
CA LEU A 101 -8.52 -6.03 -4.61
C LEU A 101 -7.47 -4.93 -4.49
N ASN A 102 -7.77 -3.88 -3.73
CA ASN A 102 -6.78 -2.83 -3.52
C ASN A 102 -5.50 -3.42 -2.92
N ASP A 103 -4.36 -2.78 -3.20
CA ASP A 103 -3.06 -3.35 -2.81
C ASP A 103 -2.89 -3.35 -1.30
N ALA A 104 -3.26 -2.26 -0.63
CA ALA A 104 -3.12 -2.19 0.81
C ALA A 104 -4.11 -3.13 1.49
N GLN A 105 -5.31 -3.26 0.95
CA GLN A 105 -6.24 -4.26 1.48
C GLN A 105 -5.68 -5.67 1.33
N ALA A 106 -4.89 -5.93 0.29
CA ALA A 106 -4.37 -7.27 0.10
C ALA A 106 -3.27 -7.57 1.11
N ALA A 107 -2.41 -6.59 1.36
CA ALA A 107 -1.37 -6.77 2.38
C ALA A 107 -1.98 -6.97 3.76
N THR A 108 -2.94 -6.12 4.14
CA THR A 108 -3.57 -6.30 5.45
C THR A 108 -4.20 -7.69 5.58
N TYR A 109 -4.66 -8.28 4.47
CA TYR A 109 -5.19 -9.63 4.58
C TYR A 109 -4.07 -10.65 4.75
N ALA A 110 -2.94 -10.44 4.10
CA ALA A 110 -1.77 -11.27 4.35
C ALA A 110 -1.36 -11.16 5.83
N GLU A 111 -0.88 -9.98 6.22
CA GLU A 111 -0.34 -9.79 7.56
C GLU A 111 -1.30 -10.28 8.63
N TYR A 112 -2.61 -10.13 8.42
CA TYR A 112 -3.56 -10.59 9.42
C TYR A 112 -3.53 -12.11 9.60
N GLN A 113 -3.04 -12.87 8.62
CA GLN A 113 -3.07 -14.31 8.80
C GLN A 113 -1.97 -14.79 9.75
N LEU A 114 -1.07 -13.91 10.16
CA LEU A 114 -0.03 -14.24 11.13
C LEU A 114 -0.38 -13.78 12.55
N GLN A 115 -1.65 -13.60 12.87
CA GLN A 115 -2.04 -12.97 14.12
C GLN A 115 -2.88 -13.93 14.94
N ASN A 116 -2.65 -13.95 16.25
CA ASN A 116 -3.49 -14.73 17.16
C ASN A 116 -4.93 -14.25 17.04
N PHE A 117 -5.79 -15.11 16.48
CA PHE A 117 -7.07 -14.67 15.98
C PHE A 117 -8.06 -14.26 17.07
N GLU A 118 -7.86 -14.67 18.32
CA GLU A 118 -8.73 -14.19 19.40
C GLU A 118 -7.94 -13.49 20.50
N GLN A 119 -6.73 -13.04 20.18
CA GLN A 119 -6.12 -11.89 20.83
C GLN A 119 -6.31 -10.62 20.01
N VAL A 120 -6.42 -10.76 18.69
CA VAL A 120 -6.43 -9.64 17.73
C VAL A 120 -7.62 -9.83 16.79
N SER A 121 -8.71 -9.09 17.04
CA SER A 121 -9.87 -9.15 16.17
C SER A 121 -10.06 -7.89 15.32
N ASN A 122 -9.46 -6.78 15.72
CA ASN A 122 -9.46 -5.56 14.93
C ASN A 122 -8.02 -5.25 14.59
N PHE A 123 -7.74 -5.13 13.29
CA PHE A 123 -6.37 -5.06 12.80
C PHE A 123 -6.30 -4.10 11.63
N VAL A 124 -5.16 -3.43 11.50
CA VAL A 124 -4.95 -2.46 10.44
C VAL A 124 -3.51 -2.58 9.96
N PHE A 125 -3.33 -2.67 8.64
CA PHE A 125 -2.02 -2.57 8.02
C PHE A 125 -1.92 -1.23 7.30
N ILE A 126 -0.80 -0.55 7.50
CA ILE A 126 -0.54 0.77 6.94
C ILE A 126 0.70 0.68 6.08
N THR A 127 0.56 0.91 4.77
CA THR A 127 1.72 1.01 3.90
C THR A 127 2.08 2.48 3.76
N VAL A 128 3.34 2.80 4.05
CA VAL A 128 3.86 4.13 3.80
C VAL A 128 4.85 3.96 2.67
N SER A 129 4.31 3.93 1.44
CA SER A 129 5.03 3.56 0.24
C SER A 129 5.13 4.76 -0.70
N THR A 130 4.71 4.57 -1.95
CA THR A 130 4.56 5.69 -2.88
C THR A 130 3.65 6.75 -2.28
N GLY A 131 2.44 6.34 -1.93
CA GLY A 131 1.54 7.13 -1.14
C GLY A 131 1.35 6.48 0.22
N VAL A 132 0.16 6.61 0.78
CA VAL A 132 -0.16 6.02 2.07
C VAL A 132 -1.47 5.28 1.92
N GLY A 133 -1.46 3.99 2.26
CA GLY A 133 -2.63 3.17 2.08
C GLY A 133 -2.83 2.24 3.27
N GLY A 134 -4.05 1.73 3.39
CA GLY A 134 -4.37 0.90 4.53
C GLY A 134 -5.44 -0.11 4.20
N GLY A 135 -5.55 -1.10 5.08
CA GLY A 135 -6.67 -2.00 5.08
C GLY A 135 -7.07 -2.30 6.51
N ILE A 136 -8.36 -2.52 6.70
CA ILE A 136 -9.01 -2.50 8.00
C ILE A 136 -9.71 -3.84 8.18
N VAL A 137 -9.20 -4.67 9.09
CA VAL A 137 -9.85 -5.91 9.51
C VAL A 137 -10.60 -5.65 10.81
N LEU A 138 -11.90 -5.95 10.83
CA LEU A 138 -12.72 -5.78 12.02
C LEU A 138 -13.47 -7.07 12.27
N ASN A 139 -13.31 -7.63 13.47
CA ASN A 139 -13.91 -8.92 13.82
C ASN A 139 -13.45 -10.00 12.85
N GLN A 140 -12.16 -9.97 12.54
CA GLN A 140 -11.44 -10.88 11.65
C GLN A 140 -11.85 -10.79 10.18
N ILE A 141 -12.78 -9.91 9.81
CA ILE A 141 -13.21 -9.81 8.40
C ILE A 141 -12.57 -8.60 7.74
N LEU A 142 -11.88 -8.83 6.63
CA LEU A 142 -11.30 -7.72 5.87
C LEU A 142 -12.41 -6.83 5.31
N GLN A 143 -12.31 -5.53 5.58
CA GLN A 143 -13.29 -4.56 5.12
C GLN A 143 -12.89 -4.06 3.74
N THR A 144 -13.82 -4.12 2.80
CA THR A 144 -13.63 -3.47 1.50
C THR A 144 -14.69 -2.44 1.18
N GLY A 145 -15.91 -2.60 1.66
CA GLY A 145 -16.95 -1.64 1.38
C GLY A 145 -17.59 -1.85 0.02
N SER A 146 -18.78 -1.25 -0.13
CA SER A 146 -19.59 -1.49 -1.32
C SER A 146 -18.92 -0.97 -2.57
N ARG A 147 -18.00 -0.01 -2.46
CA ARG A 147 -17.28 0.54 -3.60
C ARG A 147 -15.77 0.30 -3.51
N GLY A 148 -15.32 -0.62 -2.66
CA GLY A 148 -13.90 -0.84 -2.52
C GLY A 148 -13.10 0.34 -2.01
N ILE A 149 -13.73 1.28 -1.30
CA ILE A 149 -13.00 2.43 -0.77
C ILE A 149 -12.40 2.13 0.61
N ALA A 150 -13.14 1.39 1.44
CA ALA A 150 -12.74 1.10 2.82
C ALA A 150 -11.26 0.80 2.90
N GLY A 151 -10.53 1.58 3.70
CA GLY A 151 -9.11 1.40 3.87
C GLY A 151 -8.28 2.55 3.35
N HIS A 152 -8.89 3.52 2.70
CA HIS A 152 -8.12 4.57 2.03
C HIS A 152 -7.78 5.67 3.04
N ILE A 153 -7.05 5.22 4.07
CA ILE A 153 -6.75 6.05 5.24
C ILE A 153 -5.66 7.05 4.93
N GLY A 154 -4.96 6.91 3.82
CA GLY A 154 -4.00 7.92 3.45
C GLY A 154 -4.60 9.24 2.97
N HIS A 155 -5.92 9.30 2.79
CA HIS A 155 -6.61 10.52 2.39
C HIS A 155 -7.60 10.98 3.45
N THR A 156 -7.34 10.60 4.71
CA THR A 156 -7.92 11.24 5.88
C THR A 156 -7.09 12.47 6.24
N LEU A 157 -7.66 13.33 7.07
CA LEU A 157 -7.04 14.62 7.36
C LEU A 157 -5.79 14.49 8.21
N ALA A 158 -4.69 15.10 7.76
CA ALA A 158 -3.46 15.30 8.51
C ALA A 158 -3.27 16.73 9.00
N ASP A 159 -3.37 17.72 8.12
CA ASP A 159 -3.24 19.11 8.53
C ASP A 159 -4.14 19.99 7.66
N PRO A 160 -5.15 20.63 8.26
CA PRO A 160 -6.06 21.46 7.45
C PRO A 160 -5.39 22.70 6.87
N ASN A 161 -4.10 22.90 7.11
CA ASN A 161 -3.34 23.98 6.52
C ASN A 161 -2.19 23.45 5.65
N GLY A 162 -2.16 22.15 5.37
CA GLY A 162 -1.07 21.57 4.61
C GLY A 162 -1.30 21.54 3.10
N ALA A 163 -0.38 20.85 2.44
CA ALA A 163 -0.37 20.78 0.99
C ALA A 163 -1.68 20.22 0.44
N ILE A 164 -2.07 20.71 -0.75
CA ILE A 164 -3.13 20.03 -1.49
C ILE A 164 -2.65 18.65 -1.91
N CYS A 165 -3.48 17.65 -1.69
CA CYS A 165 -3.18 16.29 -2.10
C CYS A 165 -3.58 16.07 -3.57
N GLY A 166 -2.83 15.20 -4.23
CA GLY A 166 -3.14 14.83 -5.59
C GLY A 166 -4.57 14.37 -5.81
N CYS A 167 -5.30 14.06 -4.75
CA CYS A 167 -6.70 13.70 -4.89
C CYS A 167 -7.63 14.91 -4.97
N GLY A 168 -7.15 16.12 -4.72
CA GLY A 168 -8.01 17.28 -4.67
C GLY A 168 -8.38 17.76 -3.27
N ARG A 169 -8.07 17.01 -2.23
CA ARG A 169 -8.43 17.38 -0.86
C ARG A 169 -7.23 18.01 -0.15
N ARG A 170 -7.48 19.07 0.61
CA ARG A 170 -6.37 19.71 1.30
C ARG A 170 -5.95 18.95 2.56
N GLY A 171 -4.64 18.77 2.72
CA GLY A 171 -4.08 18.34 3.99
C GLY A 171 -4.09 16.85 4.27
N CYS A 172 -4.25 16.01 3.26
CA CYS A 172 -4.27 14.56 3.44
C CYS A 172 -3.02 14.08 4.15
N VAL A 173 -3.11 12.87 4.70
CA VAL A 173 -1.95 12.25 5.34
C VAL A 173 -0.91 11.92 4.30
N GLU A 174 -1.36 11.39 3.16
CA GLU A 174 -0.47 11.09 2.03
C GLU A 174 0.33 12.31 1.60
N ALA A 175 -0.26 13.50 1.64
CA ALA A 175 0.43 14.67 1.12
C ALA A 175 1.56 15.12 2.03
N ILE A 176 1.75 14.46 3.15
CA ILE A 176 2.64 14.94 4.21
C ILE A 176 3.61 13.82 4.61
N ALA A 177 3.18 12.56 4.47
CA ALA A 177 3.95 11.45 5.01
C ALA A 177 4.48 10.47 3.98
N SER A 178 4.00 10.54 2.75
CA SER A 178 4.29 9.55 1.72
C SER A 178 5.70 9.74 1.17
N GLY A 179 6.19 8.70 0.51
CA GLY A 179 7.42 8.83 -0.26
C GLY A 179 7.35 9.99 -1.24
N ARG A 180 6.22 10.15 -1.93
CA ARG A 180 6.05 11.29 -2.82
C ARG A 180 6.19 12.60 -2.05
N ALA A 181 5.52 12.70 -0.90
CA ALA A 181 5.52 13.94 -0.14
C ALA A 181 6.92 14.27 0.36
N ILE A 182 7.69 13.25 0.75
CA ILE A 182 9.07 13.45 1.14
C ILE A 182 9.87 13.99 -0.04
N GLU A 183 9.77 13.30 -1.19
CA GLU A 183 10.55 13.66 -2.37
C GLU A 183 10.22 15.05 -2.90
N ALA A 184 8.96 15.48 -2.78
CA ALA A 184 8.63 16.82 -3.22
C ALA A 184 9.44 17.88 -2.48
N VAL A 185 9.86 17.58 -1.25
CA VAL A 185 10.66 18.53 -0.48
C VAL A 185 12.15 18.35 -0.75
N SER A 186 12.61 17.10 -0.84
CA SER A 186 14.04 16.82 -0.98
C SER A 186 14.58 17.07 -2.38
N SER A 187 13.71 17.15 -3.40
CA SER A 187 14.16 17.51 -4.75
C SER A 187 14.50 19.00 -4.85
N GLN A 188 13.73 19.85 -4.17
CA GLN A 188 13.89 21.30 -4.28
C GLN A 188 14.98 21.87 -3.38
N TRP A 189 15.69 21.01 -2.64
CA TRP A 189 16.78 21.48 -1.80
C TRP A 189 17.93 21.99 -2.66
N GLU A 190 18.76 22.86 -2.08
CA GLU A 190 20.03 23.22 -2.70
C GLU A 190 20.91 21.99 -2.93
N ASP A 191 20.66 20.90 -2.23
CA ASP A 191 21.46 19.67 -2.30
C ASP A 191 20.50 18.49 -2.49
N PRO A 192 19.89 18.37 -3.67
CA PRO A 192 18.75 17.45 -3.82
C PRO A 192 19.12 15.98 -3.67
N CYS A 193 18.09 15.18 -3.36
CA CYS A 193 18.22 13.73 -3.19
C CYS A 193 16.83 13.08 -3.20
N ASP A 194 16.84 11.75 -3.36
CA ASP A 194 15.64 10.92 -3.37
C ASP A 194 15.29 10.47 -1.97
N PRO A 195 14.11 9.86 -1.77
CA PRO A 195 13.72 9.45 -0.40
C PRO A 195 14.74 8.57 0.32
N LYS A 196 15.16 7.45 -0.27
CA LYS A 196 16.16 6.59 0.38
C LYS A 196 17.34 7.42 0.85
N GLU A 197 17.79 8.38 0.03
CA GLU A 197 18.87 9.27 0.44
C GLU A 197 18.47 10.14 1.63
N VAL A 198 17.20 10.53 1.72
CA VAL A 198 16.78 11.31 2.89
C VAL A 198 16.98 10.52 4.16
N PHE A 199 16.66 9.22 4.11
CA PHE A 199 16.79 8.37 5.28
C PHE A 199 18.24 8.17 5.71
N GLU A 200 19.22 8.50 4.86
CA GLU A 200 20.58 8.29 5.34
C GLU A 200 21.22 9.59 5.83
N ARG A 201 20.94 10.73 5.20
CA ARG A 201 21.28 12.01 5.82
C ARG A 201 20.55 12.17 7.16
N PHE A 202 19.40 11.51 7.28
CA PHE A 202 18.68 11.47 8.54
C PHE A 202 19.53 10.77 9.60
N ARG A 203 20.01 9.57 9.28
CA ARG A 203 20.80 8.82 10.25
C ARG A 203 22.11 9.52 10.59
N LYS A 204 22.68 10.28 9.66
CA LYS A 204 23.84 11.11 9.95
C LYS A 204 23.46 12.44 10.61
N ASN A 205 22.18 12.63 10.93
CA ASN A 205 21.70 13.75 11.73
C ASN A 205 21.71 15.07 10.97
N ASP A 206 21.44 15.03 9.66
CA ASP A 206 21.25 16.26 8.92
C ASP A 206 19.93 16.90 9.36
N GLU A 207 20.00 18.16 9.79
CA GLU A 207 18.79 18.85 10.25
C GLU A 207 17.66 18.70 9.25
N LYS A 208 17.90 19.08 7.99
CA LYS A 208 16.85 19.09 6.98
C LYS A 208 16.19 17.73 6.87
N ALA A 209 16.97 16.66 6.73
CA ALA A 209 16.36 15.35 6.51
C ALA A 209 15.61 14.87 7.74
N THR A 210 16.08 15.23 8.93
CA THR A 210 15.39 14.82 10.15
C THR A 210 14.04 15.53 10.29
N ALA A 211 14.03 16.86 10.11
CA ALA A 211 12.77 17.59 10.11
C ALA A 211 11.77 16.98 9.14
N LEU A 212 12.25 16.42 8.04
CA LEU A 212 11.36 15.87 7.03
C LEU A 212 10.89 14.47 7.39
N VAL A 213 11.77 13.62 7.91
CA VAL A 213 11.32 12.28 8.30
C VAL A 213 10.47 12.35 9.55
N GLU A 214 10.70 13.36 10.40
CA GLU A 214 9.87 13.52 11.58
C GLU A 214 8.45 13.96 11.19
N ARG A 215 8.35 14.94 10.29
CA ARG A 215 7.03 15.37 9.81
C ARG A 215 6.20 14.18 9.33
N SER A 216 6.84 13.20 8.68
CA SER A 216 6.11 12.03 8.19
C SER A 216 5.69 11.10 9.33
N ALA A 217 6.58 10.82 10.29
CA ALA A 217 6.20 9.86 11.33
C ALA A 217 5.17 10.46 12.28
N LYS A 218 5.36 11.73 12.67
CA LYS A 218 4.37 12.39 13.51
C LYS A 218 2.98 12.33 12.88
N ALA A 219 2.90 12.40 11.53
CA ALA A 219 1.61 12.29 10.89
C ALA A 219 1.10 10.86 10.92
N ILE A 220 1.99 9.89 10.72
CA ILE A 220 1.56 8.49 10.82
C ILE A 220 1.16 8.17 12.25
N ALA A 221 1.92 8.67 13.23
CA ALA A 221 1.54 8.50 14.62
C ALA A 221 0.11 9.00 14.86
N ASN A 222 -0.22 10.17 14.32
CA ASN A 222 -1.57 10.69 14.46
C ASN A 222 -2.61 9.83 13.75
N LEU A 223 -2.23 9.21 12.64
CA LEU A 223 -3.16 8.33 11.95
C LEU A 223 -3.52 7.14 12.81
N ILE A 224 -2.50 6.50 13.39
CA ILE A 224 -2.71 5.36 14.28
C ILE A 224 -3.62 5.74 15.45
N ALA A 225 -3.38 6.91 16.04
CA ALA A 225 -4.24 7.39 17.12
C ALA A 225 -5.69 7.44 16.67
N ASP A 226 -5.96 8.15 15.56
CA ASP A 226 -7.31 8.17 14.99
C ASP A 226 -7.87 6.78 14.82
N LEU A 227 -7.03 5.85 14.35
CA LEU A 227 -7.55 4.52 14.09
C LEU A 227 -7.91 3.81 15.38
N VAL A 228 -7.03 3.89 16.38
CA VAL A 228 -7.24 3.23 17.67
C VAL A 228 -8.55 3.70 18.29
N ILE A 229 -8.75 5.00 18.36
CA ILE A 229 -9.88 5.52 19.11
C ILE A 229 -11.17 5.55 18.31
N SER A 230 -11.12 5.27 17.00
CA SER A 230 -12.32 5.23 16.18
C SER A 230 -12.87 3.83 16.08
N LEU A 231 -11.98 2.87 15.96
CA LEU A 231 -12.40 1.53 15.64
C LEU A 231 -11.92 0.50 16.66
N ASP A 232 -11.22 0.95 17.72
CA ASP A 232 -10.72 0.04 18.73
C ASP A 232 -9.78 -0.97 18.11
N ILE A 233 -8.73 -0.46 17.50
CA ILE A 233 -7.76 -1.33 16.85
C ILE A 233 -6.87 -1.97 17.90
N GLN A 234 -6.47 -3.22 17.66
CA GLN A 234 -5.67 -3.94 18.64
C GLN A 234 -4.23 -4.18 18.21
N LYS A 235 -3.96 -4.27 16.91
CA LYS A 235 -2.59 -4.31 16.44
C LYS A 235 -2.49 -3.68 15.06
N ILE A 236 -1.34 -3.07 14.78
CA ILE A 236 -1.10 -2.36 13.55
C ILE A 236 0.28 -2.76 13.05
N ALA A 237 0.35 -3.46 11.94
CA ALA A 237 1.60 -3.64 11.22
C ALA A 237 1.68 -2.56 10.16
N ILE A 238 2.87 -2.00 9.96
CA ILE A 238 3.05 -1.03 8.89
C ILE A 238 4.11 -1.55 7.92
N GLY A 239 3.76 -1.53 6.62
CA GLY A 239 4.65 -1.92 5.53
C GLY A 239 5.08 -0.78 4.62
N GLY A 240 5.37 -1.09 3.36
CA GLY A 240 5.87 -0.10 2.43
C GLY A 240 7.33 0.24 2.68
N SER A 241 7.99 0.72 1.62
CA SER A 241 9.44 0.92 1.66
C SER A 241 9.86 2.07 2.58
N VAL A 242 8.99 3.06 2.81
CA VAL A 242 9.29 4.05 3.84
C VAL A 242 8.95 3.50 5.22
N GLY A 243 7.81 2.81 5.32
CA GLY A 243 7.43 2.18 6.58
C GLY A 243 8.47 1.20 7.06
N LEU A 244 8.96 0.33 6.16
CA LEU A 244 9.97 -0.66 6.51
C LEU A 244 11.37 -0.05 6.61
N ALA A 245 11.52 1.24 6.30
CA ALA A 245 12.82 1.86 6.42
C ALA A 245 13.33 1.74 7.85
N GLU A 246 14.64 1.76 8.00
CA GLU A 246 15.27 1.50 9.27
C GLU A 246 15.22 2.77 10.11
N GLY A 247 14.78 2.63 11.36
CA GLY A 247 14.64 3.76 12.27
C GLY A 247 13.34 4.52 12.14
N TYR A 248 12.48 4.17 11.19
CA TYR A 248 11.23 4.90 11.00
C TYR A 248 10.16 4.45 11.98
N LEU A 249 9.88 3.14 12.02
CA LEU A 249 8.93 2.61 12.98
C LEU A 249 9.25 3.09 14.40
N SER A 250 10.54 3.17 14.74
CA SER A 250 10.91 3.69 16.06
C SER A 250 10.47 5.12 16.22
N LEU A 251 10.52 5.91 15.15
CA LEU A 251 10.11 7.30 15.25
C LEU A 251 8.59 7.41 15.36
N VAL A 252 7.87 6.48 14.75
CA VAL A 252 6.43 6.43 14.93
C VAL A 252 6.10 6.09 16.37
N GLU A 253 6.64 4.97 16.86
CA GLU A 253 6.43 4.56 18.25
C GLU A 253 6.78 5.68 19.22
N LYS A 254 7.88 6.39 18.95
CA LYS A 254 8.27 7.54 19.77
C LYS A 254 7.19 8.63 19.78
N TYR A 255 6.77 9.10 18.60
CA TYR A 255 5.74 10.14 18.57
C TYR A 255 4.40 9.64 19.10
N LEU A 256 4.17 8.33 19.07
CA LEU A 256 2.91 7.79 19.57
C LEU A 256 2.83 7.78 21.09
N GLN A 257 3.96 7.81 21.79
CA GLN A 257 3.93 7.81 23.23
C GLN A 257 3.84 9.21 23.80
N ASP A 258 3.66 10.22 22.95
CA ASP A 258 3.18 11.52 23.39
C ASP A 258 1.68 11.53 23.62
N PHE A 259 1.01 10.49 23.25
CA PHE A 259 -0.43 10.52 23.35
C PHE A 259 -0.89 9.90 24.67
N PRO A 260 -2.03 10.31 25.18
CA PRO A 260 -2.68 9.54 26.24
C PRO A 260 -2.63 8.06 25.91
N SER A 261 -2.31 7.25 26.92
CA SER A 261 -2.06 5.82 26.70
C SER A 261 -3.19 5.16 25.94
N ILE A 262 -4.41 5.68 26.07
CA ILE A 262 -5.58 5.05 25.48
C ILE A 262 -5.42 4.96 23.95
N TYR A 263 -4.71 5.93 23.36
CA TYR A 263 -4.41 5.98 21.95
C TYR A 263 -3.31 5.03 21.52
N CYS A 264 -2.61 4.40 22.47
CA CYS A 264 -1.49 3.58 22.06
C CYS A 264 -1.96 2.23 21.54
N CYS A 265 -1.07 1.54 20.83
CA CYS A 265 -1.41 0.32 20.15
C CYS A 265 -0.12 -0.47 19.93
N GLU A 266 -0.24 -1.78 19.86
CA GLU A 266 0.91 -2.59 19.49
C GLU A 266 1.20 -2.43 18.00
N ILE A 267 2.43 -2.02 17.67
CA ILE A 267 2.83 -1.77 16.29
C ILE A 267 4.02 -2.65 15.95
N GLU A 268 3.96 -3.30 14.79
CA GLU A 268 5.05 -4.17 14.35
C GLU A 268 5.39 -3.92 12.88
N THR A 269 6.64 -4.22 12.53
CA THR A 269 7.02 -4.25 11.12
C THR A 269 6.20 -5.31 10.38
N ALA A 270 5.77 -4.96 9.18
CA ALA A 270 5.18 -5.95 8.30
C ALA A 270 6.16 -7.10 8.11
N LYS A 271 5.66 -8.33 8.19
CA LYS A 271 6.53 -9.49 8.13
C LYS A 271 6.42 -10.21 6.79
N PHE A 272 6.08 -9.47 5.73
CA PHE A 272 5.94 -9.99 4.38
C PHE A 272 6.60 -9.14 3.31
N GLY A 273 6.90 -7.88 3.59
CA GLY A 273 7.72 -7.08 2.71
C GLY A 273 7.04 -6.79 1.40
N GLN A 274 7.85 -6.71 0.35
CA GLN A 274 7.37 -6.38 -0.98
C GLN A 274 6.46 -7.47 -1.55
N ASP A 275 6.27 -8.55 -0.80
CA ASP A 275 5.47 -9.69 -1.23
C ASP A 275 4.14 -9.79 -0.47
N ALA A 276 3.77 -8.76 0.29
CA ALA A 276 2.52 -8.80 1.03
C ALA A 276 1.31 -8.67 0.10
N GLY A 277 1.42 -7.86 -0.95
CA GLY A 277 0.29 -7.69 -1.86
C GLY A 277 0.01 -8.95 -2.65
N LEU A 278 1.05 -9.48 -3.30
CA LEU A 278 0.96 -10.76 -3.98
C LEU A 278 0.31 -11.82 -3.10
N ILE A 279 0.89 -12.08 -1.93
CA ILE A 279 0.41 -13.16 -1.08
C ILE A 279 -1.01 -12.88 -0.60
N GLY A 280 -1.27 -11.64 -0.19
CA GLY A 280 -2.61 -11.26 0.22
C GLY A 280 -3.67 -11.52 -0.84
N ALA A 281 -3.48 -10.96 -2.04
CA ALA A 281 -4.44 -11.20 -3.13
C ALA A 281 -4.57 -12.67 -3.41
N ALA A 282 -3.46 -13.40 -3.39
CA ALA A 282 -3.49 -14.81 -3.71
C ALA A 282 -4.39 -15.57 -2.75
N TYR A 283 -4.26 -15.28 -1.45
CA TYR A 283 -5.10 -15.96 -0.49
C TYR A 283 -6.50 -15.35 -0.44
N TRP A 284 -6.60 -14.03 -0.56
CA TRP A 284 -7.93 -13.44 -0.44
C TRP A 284 -8.83 -13.83 -1.60
N VAL A 285 -8.29 -13.85 -2.82
CA VAL A 285 -9.08 -14.30 -3.97
C VAL A 285 -9.52 -15.74 -3.76
N LYS A 286 -8.58 -16.62 -3.43
CA LYS A 286 -8.87 -18.04 -3.23
C LYS A 286 -9.98 -18.25 -2.21
N ASP A 287 -9.99 -17.48 -1.12
CA ASP A 287 -10.98 -17.66 -0.07
C ASP A 287 -12.34 -17.06 -0.41
N VAL A 288 -12.46 -16.28 -1.49
CA VAL A 288 -13.76 -15.86 -1.98
C VAL A 288 -13.98 -16.47 -3.37
N LEU A 289 -13.49 -17.70 -3.53
CA LEU A 289 -13.92 -18.66 -4.55
C LEU A 289 -14.43 -19.95 -3.91
N LEU A 290 -14.81 -19.88 -2.63
CA LEU A 290 -15.28 -21.05 -1.91
C LEU A 290 -16.73 -20.86 -1.43
PB ADP B . 4.69 0.69 -4.36
O1B ADP B . 4.50 0.34 -5.82
O2B ADP B . 4.24 -0.50 -3.53
O3B ADP B . 3.86 1.91 -4.04
PA ADP B . 7.17 0.90 -2.72
O1A ADP B . 8.49 0.26 -3.12
O2A ADP B . 6.49 0.04 -1.66
O3A ADP B . 6.27 1.08 -4.09
O5' ADP B . 7.45 2.43 -2.16
C5' ADP B . 7.97 3.38 -3.08
C4' ADP B . 8.35 4.69 -2.33
O4' ADP B . 9.11 4.41 -1.30
C3' ADP B . 9.17 5.63 -3.21
O3' ADP B . 8.94 6.90 -2.83
C2' ADP B . 10.63 5.31 -2.85
O2' ADP B . 11.43 6.57 -3.00
C1' ADP B . 10.60 4.99 -1.58
N9 ADP B . 11.55 3.94 -1.31
C8 ADP B . 11.75 2.85 -2.07
N7 ADP B . 12.69 2.10 -1.48
C5 ADP B . 13.07 2.73 -0.36
C6 ADP B . 14.00 2.37 0.59
N6 ADP B . 14.82 1.16 0.57
N1 ADP B . 14.20 3.17 1.63
C2 ADP B . 13.49 4.32 1.77
N3 ADP B . 12.57 4.66 0.83
C4 ADP B . 12.36 3.86 -0.24
C1 BMX C . -3.14 5.78 -2.86
C2 BMX C . -4.34 4.98 -3.39
C3 BMX C . -4.58 3.74 -2.62
C4 BMX C . -3.32 2.91 -2.53
C5 BMX C . -2.26 3.71 -1.81
C6 BMX C . -1.01 2.89 -1.66
C7 BMX C . -4.43 5.53 -5.90
C8 BMX C . -4.00 5.16 -7.32
N2 BMX C . -3.97 4.68 -4.79
O1 BMX C . -3.52 6.45 -1.75
O3 BMX C . -5.65 2.97 -3.24
O4 BMX C . -3.59 1.69 -1.84
O5 BMX C . -1.94 4.94 -2.55
O6 BMX C . -0.65 2.30 -2.86
O7 BMX C . -5.14 6.46 -5.70
P BMX C . 0.94 2.26 -3.26
O19 BMX C . 1.55 1.01 -2.66
O17 BMX C . 1.09 2.22 -4.77
O18 BMX C . 1.65 3.46 -2.73
ZN ZN D . -5.80 12.78 -0.85
#